data_3C1U
#
_entry.id   3C1U
#
_cell.length_a   48.612
_cell.length_b   67.606
_cell.length_c   73.272
_cell.angle_alpha   90.000
_cell.angle_beta   90.000
_cell.angle_gamma   90.000
#
_symmetry.space_group_name_H-M   'P 21 21 21'
#
loop_
_entity.id
_entity.type
_entity.pdbx_description
1 polymer 'Rhamnogalacturonan acetylesterase'
2 non-polymer 2-acetamido-2-deoxy-beta-D-glucopyranose
3 non-polymer 'ACETATE ION'
4 water water
#
_entity_poly.entity_id   1
_entity_poly.type   'polypeptide(L)'
_entity_poly.pdbx_seq_one_letter_code
;TTVYLAGDSTMAKNGGGSGTNGWGEYLASYLSATVVNDAVAGRSARSYTREGRFENIADVVTAGDYVIVEFGHNDGGSLS
TDNGRTDCSGTGAEVCYSVYDGVNETILTFPAYLENAAKLFTAKGAKVILSSQTPNNPWETGTFVNSPTRFVEYAELAAE
VAGVEYVDHWSYVDSIYETLGNATVNSYFPINHTHTSPAGAEVVAEAFLKAVVCTGTSLKSVLTTTSFEGTCL
;
_entity_poly.pdbx_strand_id   A
#
loop_
_chem_comp.id
_chem_comp.type
_chem_comp.name
_chem_comp.formula
ACT non-polymer 'ACETATE ION' 'C2 H3 O2 -1'
NAG D-saccharide, beta linking 2-acetamido-2-deoxy-beta-D-glucopyranose 'C8 H15 N O6'
#
# COMPACT_ATOMS: atom_id res chain seq x y z
N THR A 1 4.37 -10.15 18.62
CA THR A 1 3.61 -9.19 17.82
C THR A 1 3.77 -9.55 16.34
N THR A 2 2.71 -9.38 15.58
CA THR A 2 2.75 -9.65 14.15
C THR A 2 2.29 -8.43 13.37
N VAL A 3 2.88 -8.19 12.24
CA VAL A 3 2.53 -7.11 11.30
C VAL A 3 2.01 -7.74 10.03
N TYR A 4 0.76 -7.55 9.72
CA TYR A 4 0.13 -8.04 8.51
C TYR A 4 0.12 -6.96 7.45
N LEU A 5 0.43 -7.36 6.23
CA LEU A 5 0.51 -6.45 5.09
C LEU A 5 -0.55 -6.78 4.06
N ALA A 6 -1.29 -5.80 3.60
CA ALA A 6 -2.31 -5.89 2.55
C ALA A 6 -1.96 -4.90 1.47
N GLY A 7 -1.85 -5.36 0.22
CA GLY A 7 -1.42 -4.51 -0.91
C GLY A 7 -1.36 -5.32 -2.18
N ASP A 8 -0.68 -4.76 -3.16
CA ASP A 8 -0.67 -5.28 -4.51
C ASP A 8 0.73 -5.70 -4.94
N SER A 9 1.06 -5.76 -6.25
CA SER A 9 2.37 -6.25 -6.67
C SER A 9 3.53 -5.40 -6.16
N THR A 10 3.27 -4.17 -5.82
CA THR A 10 4.36 -3.33 -5.33
C THR A 10 4.78 -3.70 -3.93
N MET A 11 3.92 -4.44 -3.23
CA MET A 11 4.18 -4.90 -1.88
C MET A 11 4.45 -6.41 -1.80
N ALA A 12 3.83 -7.21 -2.66
CA ALA A 12 3.77 -8.66 -2.56
C ALA A 12 5.09 -9.38 -2.76
N LYS A 13 5.20 -10.52 -2.10
CA LYS A 13 6.28 -11.48 -2.40
C LYS A 13 6.23 -11.85 -3.87
N ASN A 14 7.39 -11.76 -4.52
CA ASN A 14 7.62 -12.02 -5.92
C ASN A 14 7.05 -10.93 -6.84
N GLY A 15 6.57 -9.79 -6.28
CA GLY A 15 6.23 -8.59 -7.04
C GLY A 15 5.24 -8.90 -8.17
N GLY A 16 5.63 -8.46 -9.38
CA GLY A 16 4.86 -8.72 -10.56
C GLY A 16 5.44 -9.82 -11.42
N GLY A 17 6.29 -10.68 -10.84
CA GLY A 17 6.98 -11.72 -11.59
C GLY A 17 8.20 -11.26 -12.34
N SER A 18 8.80 -12.15 -13.13
CA SER A 18 9.94 -11.89 -14.00
C SER A 18 11.08 -11.21 -13.28
N GLY A 19 11.40 -11.58 -12.03
CA GLY A 19 12.53 -10.99 -11.34
C GLY A 19 12.21 -9.86 -10.39
N THR A 20 11.03 -9.33 -10.34
CA THR A 20 10.64 -8.23 -9.52
C THR A 20 10.26 -8.73 -8.12
N ASN A 21 10.16 -7.80 -7.19
CA ASN A 21 9.76 -8.13 -5.83
C ASN A 21 8.99 -6.95 -5.25
N GLY A 22 8.31 -7.22 -4.14
CA GLY A 22 7.49 -6.23 -3.47
C GLY A 22 8.15 -5.75 -2.18
N TRP A 23 7.78 -4.54 -1.76
CA TRP A 23 8.44 -3.90 -0.61
C TRP A 23 8.18 -4.60 0.72
N GLY A 24 7.07 -5.33 0.82
CA GLY A 24 6.81 -6.01 2.07
C GLY A 24 7.80 -7.09 2.43
N GLU A 25 8.64 -7.48 1.48
CA GLU A 25 9.66 -8.48 1.70
C GLU A 25 10.90 -7.91 2.33
N TYR A 26 10.99 -6.60 2.57
CA TYR A 26 12.20 -5.96 3.03
C TYR A 26 11.94 -5.24 4.34
N LEU A 27 10.96 -5.69 5.10
CA LEU A 27 10.63 -5.12 6.42
C LEU A 27 11.07 -5.91 7.63
N ALA A 28 10.98 -7.22 7.54
CA ALA A 28 11.12 -8.10 8.66
C ALA A 28 12.48 -7.85 9.29
N SER A 29 13.47 -7.54 8.48
CA SER A 29 14.81 -7.41 8.91
C SER A 29 14.97 -6.26 9.93
N TYR A 30 14.05 -5.30 10.02
CA TYR A 30 14.11 -4.05 10.74
C TYR A 30 13.01 -3.92 11.77
N LEU A 31 12.21 -4.96 11.92
CA LEU A 31 11.15 -4.98 12.92
C LEU A 31 11.32 -6.12 13.93
N SER A 32 10.94 -5.87 15.19
N SER A 32 10.96 -5.79 15.17
CA SER A 32 11.12 -7.00 16.11
CA SER A 32 10.98 -6.85 16.20
C SER A 32 9.96 -7.98 16.05
C SER A 32 9.55 -7.36 16.32
N ALA A 33 9.04 -7.76 15.17
CA ALA A 33 7.70 -8.34 15.03
C ALA A 33 7.77 -9.30 13.84
N THR A 34 6.98 -10.34 13.85
CA THR A 34 6.80 -11.21 12.70
C THR A 34 6.08 -10.46 11.60
N VAL A 35 6.48 -10.60 10.33
CA VAL A 35 5.83 -9.99 9.21
C VAL A 35 5.13 -11.08 8.39
N VAL A 36 3.83 -10.87 8.15
CA VAL A 36 3.05 -11.73 7.28
C VAL A 36 2.63 -10.87 6.09
N ASN A 37 3.17 -11.20 4.91
CA ASN A 37 2.94 -10.43 3.67
C ASN A 37 1.80 -11.05 2.88
N ASP A 38 0.61 -10.46 3.05
CA ASP A 38 -0.61 -10.92 2.39
C ASP A 38 -0.96 -10.10 1.17
N ALA A 39 0.00 -9.36 0.67
CA ALA A 39 -0.25 -8.64 -0.58
C ALA A 39 -0.28 -9.58 -1.78
N VAL A 40 -1.02 -9.19 -2.82
CA VAL A 40 -1.21 -10.01 -4.00
C VAL A 40 -1.22 -9.13 -5.24
N ALA A 41 -0.42 -9.54 -6.23
CA ALA A 41 -0.34 -8.80 -7.48
C ALA A 41 -1.69 -8.61 -8.11
N GLY A 42 -1.98 -7.41 -8.60
CA GLY A 42 -3.15 -7.14 -9.39
C GLY A 42 -4.33 -6.65 -8.60
N ARG A 43 -4.27 -6.67 -7.27
CA ARG A 43 -5.47 -6.43 -6.46
C ARG A 43 -5.67 -4.93 -6.20
N SER A 44 -6.97 -4.55 -6.12
CA SER A 44 -7.43 -3.25 -5.71
C SER A 44 -8.13 -3.32 -4.37
N ALA A 45 -8.52 -2.16 -3.81
CA ALA A 45 -9.26 -2.20 -2.55
C ALA A 45 -10.52 -3.04 -2.71
N ARG A 46 -11.21 -2.90 -3.85
CA ARG A 46 -12.40 -3.66 -4.19
C ARG A 46 -12.10 -5.15 -4.28
N SER A 47 -11.12 -5.53 -5.13
CA SER A 47 -10.96 -6.96 -5.37
C SER A 47 -10.35 -7.66 -4.17
N TYR A 48 -9.50 -6.99 -3.41
CA TYR A 48 -8.95 -7.57 -2.19
C TYR A 48 -10.08 -7.86 -1.20
N THR A 49 -11.02 -6.92 -1.10
CA THR A 49 -12.19 -7.11 -0.23
C THR A 49 -13.03 -8.28 -0.70
N ARG A 50 -13.40 -8.30 -2.00
CA ARG A 50 -14.27 -9.32 -2.60
C ARG A 50 -13.67 -10.71 -2.47
N GLU A 51 -12.36 -10.82 -2.60
CA GLU A 51 -11.67 -12.12 -2.51
C GLU A 51 -11.55 -12.58 -1.06
N GLY A 52 -12.08 -11.84 -0.09
CA GLY A 52 -12.06 -12.23 1.30
C GLY A 52 -10.75 -12.03 2.02
N ARG A 53 -9.83 -11.22 1.44
CA ARG A 53 -8.45 -11.16 1.92
C ARG A 53 -8.31 -10.26 3.14
N PHE A 54 -9.18 -9.22 3.26
CA PHE A 54 -9.19 -8.48 4.55
C PHE A 54 -9.80 -9.36 5.64
N GLU A 55 -10.85 -10.11 5.32
CA GLU A 55 -11.44 -11.02 6.30
C GLU A 55 -10.43 -12.08 6.73
N ASN A 56 -9.59 -12.59 5.80
CA ASN A 56 -8.58 -13.57 6.18
C ASN A 56 -7.63 -13.03 7.24
N ILE A 57 -7.16 -11.78 7.05
CA ILE A 57 -6.32 -11.14 8.04
C ILE A 57 -7.07 -10.95 9.35
N ALA A 58 -8.32 -10.47 9.27
CA ALA A 58 -9.12 -10.25 10.48
C ALA A 58 -9.26 -11.50 11.34
N ASP A 59 -9.31 -12.63 10.66
CA ASP A 59 -9.58 -13.90 11.37
C ASP A 59 -8.36 -14.49 12.06
N VAL A 60 -7.17 -13.93 11.75
CA VAL A 60 -5.97 -14.36 12.49
C VAL A 60 -5.32 -13.28 13.34
N VAL A 61 -5.67 -12.03 13.13
CA VAL A 61 -5.01 -10.91 13.85
C VAL A 61 -5.32 -11.08 15.34
N THR A 62 -4.34 -10.76 16.19
CA THR A 62 -4.41 -10.77 17.67
C THR A 62 -4.36 -9.32 18.17
N ALA A 63 -4.92 -9.01 19.32
CA ALA A 63 -4.79 -7.71 19.91
C ALA A 63 -3.30 -7.32 20.05
N GLY A 64 -3.06 -6.08 19.62
CA GLY A 64 -1.75 -5.56 19.59
C GLY A 64 -0.96 -5.74 18.31
N ASP A 65 -1.47 -6.57 17.40
CA ASP A 65 -0.85 -6.69 16.10
C ASP A 65 -1.05 -5.43 15.28
N TYR A 66 -0.27 -5.22 14.21
CA TYR A 66 -0.47 -4.15 13.27
C TYR A 66 -0.99 -4.69 11.94
N VAL A 67 -1.77 -3.87 11.22
CA VAL A 67 -2.10 -4.18 9.83
C VAL A 67 -1.80 -2.93 9.01
N ILE A 68 -0.99 -3.07 7.97
CA ILE A 68 -0.65 -2.00 7.02
C ILE A 68 -1.40 -2.26 5.73
N VAL A 69 -2.15 -1.27 5.27
CA VAL A 69 -3.01 -1.38 4.10
C VAL A 69 -2.59 -0.36 3.07
N GLU A 70 -2.24 -0.78 1.88
CA GLU A 70 -1.77 0.15 0.85
C GLU A 70 -2.31 -0.27 -0.52
N PHE A 71 -3.26 0.48 -1.09
CA PHE A 71 -3.82 0.20 -2.40
C PHE A 71 -3.87 1.49 -3.23
N GLY A 72 -4.16 1.34 -4.53
CA GLY A 72 -4.31 2.48 -5.42
C GLY A 72 -3.85 2.19 -6.82
N HIS A 73 -2.71 1.48 -6.97
CA HIS A 73 -2.21 1.20 -8.28
C HIS A 73 -3.25 0.59 -9.21
N ASN A 74 -4.13 -0.30 -8.72
CA ASN A 74 -5.07 -1.02 -9.53
C ASN A 74 -6.53 -0.53 -9.41
N ASP A 75 -6.72 0.62 -8.79
CA ASP A 75 -8.07 1.04 -8.38
C ASP A 75 -8.74 1.96 -9.38
N GLY A 76 -8.01 2.43 -10.36
CA GLY A 76 -8.60 3.34 -11.34
C GLY A 76 -9.33 2.56 -12.43
N GLY A 77 -9.79 3.42 -13.35
N GLY A 77 -9.56 3.34 -13.47
CA GLY A 77 -10.78 2.97 -14.28
CA GLY A 77 -9.68 2.89 -14.82
C GLY A 77 -10.12 2.13 -15.38
C GLY A 77 -11.00 2.31 -15.26
N SER A 78 -10.89 1.41 -16.17
CA SER A 78 -10.79 0.80 -17.41
C SER A 78 -10.43 -0.70 -17.26
N THR A 81 -14.95 -2.20 -20.20
CA THR A 81 -15.92 -2.80 -19.30
C THR A 81 -15.13 -3.26 -18.08
N ASP A 82 -15.94 -3.63 -17.11
CA ASP A 82 -15.56 -3.79 -15.72
C ASP A 82 -14.40 -4.78 -15.60
N ASN A 83 -13.23 -4.35 -15.15
CA ASN A 83 -12.10 -5.25 -15.08
C ASN A 83 -11.99 -5.97 -13.74
N GLY A 84 -12.99 -5.85 -12.90
CA GLY A 84 -13.10 -6.47 -11.58
C GLY A 84 -12.36 -5.73 -10.46
N ARG A 85 -11.55 -4.71 -10.82
CA ARG A 85 -10.71 -3.98 -9.90
C ARG A 85 -11.18 -2.54 -9.63
N THR A 86 -11.65 -1.83 -10.66
CA THR A 86 -12.01 -0.42 -10.49
C THR A 86 -13.03 -0.22 -9.39
N ASP A 87 -12.73 0.74 -8.46
CA ASP A 87 -13.69 1.11 -7.43
C ASP A 87 -14.77 2.04 -8.00
N CYS A 88 -15.87 2.19 -7.26
CA CYS A 88 -16.82 3.25 -7.59
C CYS A 88 -16.13 4.59 -7.34
N SER A 89 -16.37 5.59 -8.20
CA SER A 89 -15.82 6.91 -8.02
C SER A 89 -16.40 7.59 -6.77
N GLY A 90 -15.61 8.49 -6.21
CA GLY A 90 -16.01 9.27 -5.07
C GLY A 90 -15.22 8.92 -3.84
N THR A 91 -15.58 9.55 -2.74
CA THR A 91 -14.88 9.39 -1.48
C THR A 91 -15.77 8.93 -0.36
N GLY A 92 -17.07 8.88 -0.57
CA GLY A 92 -18.06 8.62 0.48
C GLY A 92 -18.82 7.33 0.26
N ALA A 93 -20.11 7.43 0.45
CA ALA A 93 -20.99 6.29 0.46
C ALA A 93 -21.53 5.91 -0.92
N GLU A 94 -21.01 6.48 -1.98
CA GLU A 94 -21.48 6.13 -3.34
C GLU A 94 -21.36 4.63 -3.58
N VAL A 95 -22.35 4.09 -4.27
CA VAL A 95 -22.29 2.71 -4.74
C VAL A 95 -22.50 2.63 -6.24
N CYS A 96 -21.79 1.70 -6.89
CA CYS A 96 -21.86 1.40 -8.30
C CYS A 96 -22.26 -0.07 -8.43
N TYR A 97 -23.13 -0.45 -9.33
CA TYR A 97 -23.52 -1.84 -9.49
C TYR A 97 -22.91 -2.35 -10.79
N SER A 98 -22.42 -3.58 -10.76
CA SER A 98 -21.88 -4.14 -12.00
C SER A 98 -22.06 -5.66 -11.92
N VAL A 99 -22.41 -6.28 -13.04
CA VAL A 99 -22.40 -7.73 -13.10
C VAL A 99 -20.98 -8.15 -13.44
N TYR A 100 -20.34 -8.80 -12.46
CA TYR A 100 -18.98 -9.22 -12.49
C TYR A 100 -18.92 -10.65 -11.89
N ASP A 101 -18.34 -11.55 -12.65
CA ASP A 101 -18.18 -12.95 -12.32
C ASP A 101 -19.50 -13.55 -11.82
N GLY A 102 -20.52 -13.25 -12.59
CA GLY A 102 -21.85 -13.85 -12.49
C GLY A 102 -22.67 -13.31 -11.34
N VAL A 103 -22.26 -12.24 -10.64
CA VAL A 103 -22.94 -11.59 -9.55
C VAL A 103 -23.18 -10.12 -9.89
N ASN A 104 -24.33 -9.57 -9.53
CA ASN A 104 -24.58 -8.13 -9.40
C ASN A 104 -23.93 -7.61 -8.12
N GLU A 105 -22.74 -7.11 -8.32
CA GLU A 105 -21.83 -6.69 -7.27
C GLU A 105 -22.14 -5.24 -6.87
N THR A 106 -22.19 -5.03 -5.56
CA THR A 106 -22.26 -3.68 -4.97
C THR A 106 -20.84 -3.19 -4.76
N ILE A 107 -20.47 -2.19 -5.56
CA ILE A 107 -19.10 -1.66 -5.57
C ILE A 107 -19.03 -0.34 -4.83
N LEU A 108 -18.11 -0.27 -3.88
CA LEU A 108 -17.96 0.89 -3.02
C LEU A 108 -16.85 1.79 -3.53
N THR A 109 -16.71 2.96 -2.88
CA THR A 109 -15.60 3.85 -3.16
C THR A 109 -14.30 3.32 -2.50
N PHE A 110 -13.18 3.84 -2.99
CA PHE A 110 -11.89 3.47 -2.43
C PHE A 110 -11.85 3.78 -0.93
N PRO A 111 -12.19 4.99 -0.51
CA PRO A 111 -12.15 5.22 0.98
C PRO A 111 -13.10 4.33 1.74
N ALA A 112 -14.28 4.02 1.23
CA ALA A 112 -15.19 3.14 1.98
C ALA A 112 -14.56 1.75 2.17
N TYR A 113 -13.95 1.21 1.12
CA TYR A 113 -13.33 -0.09 1.31
C TYR A 113 -12.26 -0.05 2.39
N LEU A 114 -11.41 0.97 2.37
CA LEU A 114 -10.33 1.10 3.37
C LEU A 114 -10.90 1.30 4.75
N GLU A 115 -11.93 2.16 4.87
CA GLU A 115 -12.54 2.43 6.15
C GLU A 115 -13.16 1.17 6.72
N ASN A 116 -13.82 0.38 5.90
CA ASN A 116 -14.50 -0.81 6.39
C ASN A 116 -13.49 -1.83 6.87
N ALA A 117 -12.38 -1.97 6.11
CA ALA A 117 -11.31 -2.88 6.56
C ALA A 117 -10.71 -2.40 7.86
N ALA A 118 -10.46 -1.08 7.97
CA ALA A 118 -9.87 -0.54 9.19
C ALA A 118 -10.75 -0.82 10.38
N LYS A 119 -12.06 -0.63 10.23
CA LYS A 119 -12.96 -0.80 11.35
C LYS A 119 -12.96 -2.25 11.82
N LEU A 120 -12.92 -3.15 10.84
CA LEU A 120 -12.84 -4.60 11.12
C LEU A 120 -11.62 -4.98 11.93
N PHE A 121 -10.47 -4.44 11.54
CA PHE A 121 -9.23 -4.74 12.25
C PHE A 121 -9.17 -4.09 13.61
N THR A 122 -9.65 -2.82 13.73
CA THR A 122 -9.68 -2.15 15.00
C THR A 122 -10.54 -2.94 15.98
N ALA A 123 -11.66 -3.48 15.55
CA ALA A 123 -12.52 -4.27 16.44
C ALA A 123 -11.82 -5.52 16.97
N LYS A 124 -10.84 -6.03 16.24
CA LYS A 124 -10.13 -7.23 16.65
C LYS A 124 -8.96 -6.84 17.56
N GLY A 125 -8.75 -5.57 17.85
CA GLY A 125 -7.67 -5.07 18.69
C GLY A 125 -6.39 -4.72 17.94
N ALA A 126 -6.39 -4.66 16.63
CA ALA A 126 -5.19 -4.33 15.86
C ALA A 126 -4.97 -2.81 15.71
N LYS A 127 -3.71 -2.42 15.48
CA LYS A 127 -3.31 -1.08 15.14
C LYS A 127 -3.21 -1.00 13.61
N VAL A 128 -4.11 -0.21 13.02
CA VAL A 128 -4.19 -0.10 11.57
C VAL A 128 -3.46 1.13 11.08
N ILE A 129 -2.66 0.92 10.05
CA ILE A 129 -1.93 1.96 9.35
C ILE A 129 -2.40 1.94 7.91
N LEU A 130 -3.06 3.00 7.47
CA LEU A 130 -3.36 3.17 6.03
C LEU A 130 -2.21 3.95 5.41
N SER A 131 -1.68 3.43 4.33
CA SER A 131 -0.50 3.96 3.68
C SER A 131 -0.82 4.33 2.24
N SER A 132 -0.41 5.55 1.82
CA SER A 132 -0.64 5.90 0.41
C SER A 132 0.20 5.03 -0.51
N GLN A 133 -0.36 4.80 -1.71
CA GLN A 133 0.29 3.98 -2.72
C GLN A 133 1.65 4.56 -3.09
N THR A 134 2.52 3.63 -3.54
CA THR A 134 3.79 4.04 -4.10
C THR A 134 3.60 4.63 -5.49
N PRO A 135 4.59 5.45 -5.90
CA PRO A 135 4.53 6.00 -7.25
C PRO A 135 4.98 5.03 -8.32
N ASN A 136 4.31 5.10 -9.45
CA ASN A 136 4.88 4.62 -10.69
C ASN A 136 6.18 5.44 -10.96
N ASN A 137 7.06 4.83 -11.74
CA ASN A 137 8.38 5.42 -12.02
C ASN A 137 8.28 6.90 -12.39
N PRO A 138 8.74 7.81 -11.56
CA PRO A 138 8.61 9.23 -11.84
C PRO A 138 9.69 9.78 -12.78
N TRP A 139 10.63 8.92 -13.15
CA TRP A 139 11.72 9.27 -14.08
C TRP A 139 11.54 8.66 -15.46
N GLU A 140 10.37 8.10 -15.76
CA GLU A 140 10.15 7.43 -17.03
C GLU A 140 10.45 8.33 -18.21
N THR A 141 10.20 9.64 -18.10
CA THR A 141 10.41 10.53 -19.23
C THR A 141 11.84 11.12 -19.29
N GLY A 142 12.66 10.85 -18.29
CA GLY A 142 13.95 11.51 -18.21
C GLY A 142 13.96 12.77 -17.36
N THR A 143 12.78 13.23 -17.01
CA THR A 143 12.58 14.38 -16.16
C THR A 143 11.71 13.96 -14.99
N PHE A 144 12.05 14.37 -13.78
CA PHE A 144 11.32 13.96 -12.58
C PHE A 144 9.94 14.59 -12.58
N VAL A 145 8.92 13.75 -12.46
CA VAL A 145 7.54 14.27 -12.33
C VAL A 145 6.88 13.75 -11.08
N ASN A 146 6.40 14.61 -10.17
CA ASN A 146 5.65 14.15 -8.99
C ASN A 146 4.17 14.38 -9.31
N SER A 147 3.49 13.32 -9.57
CA SER A 147 2.14 13.21 -10.07
C SER A 147 1.32 12.29 -9.19
N PRO A 148 0.95 12.72 -7.98
CA PRO A 148 0.13 11.83 -7.14
C PRO A 148 -1.22 11.49 -7.77
N THR A 149 -1.59 10.23 -7.52
CA THR A 149 -2.91 9.80 -7.96
C THR A 149 -3.92 10.30 -6.95
N ARG A 150 -5.20 10.21 -7.30
CA ARG A 150 -6.23 10.60 -6.33
C ARG A 150 -6.17 9.70 -5.09
N PHE A 151 -5.65 8.48 -5.24
CA PHE A 151 -5.70 7.52 -4.17
C PHE A 151 -4.72 7.89 -3.05
N VAL A 152 -3.77 8.77 -3.30
CA VAL A 152 -2.84 9.19 -2.22
C VAL A 152 -3.58 9.93 -1.14
N GLU A 153 -4.20 11.06 -1.47
CA GLU A 153 -4.97 11.76 -0.45
C GLU A 153 -6.18 10.95 -0.04
N TYR A 154 -6.77 10.11 -0.87
CA TYR A 154 -7.91 9.32 -0.43
C TYR A 154 -7.52 8.39 0.72
N ALA A 155 -6.30 7.90 0.76
CA ALA A 155 -5.84 7.07 1.89
C ALA A 155 -5.81 7.87 3.16
N GLU A 156 -5.36 9.11 3.07
CA GLU A 156 -5.35 10.00 4.25
C GLU A 156 -6.76 10.30 4.73
N LEU A 157 -7.69 10.59 3.80
CA LEU A 157 -9.10 10.80 4.10
C LEU A 157 -9.65 9.59 4.84
N ALA A 158 -9.41 8.38 4.31
CA ALA A 158 -9.89 7.15 4.91
C ALA A 158 -9.39 6.98 6.34
N ALA A 159 -8.11 7.31 6.54
CA ALA A 159 -7.52 7.20 7.88
C ALA A 159 -8.23 8.11 8.87
N GLU A 160 -8.50 9.33 8.42
CA GLU A 160 -9.17 10.27 9.24
C GLU A 160 -10.60 9.85 9.58
N VAL A 161 -11.34 9.37 8.59
CA VAL A 161 -12.71 8.93 8.83
C VAL A 161 -12.76 7.72 9.75
N ALA A 162 -11.84 6.78 9.62
CA ALA A 162 -11.82 5.56 10.40
C ALA A 162 -11.12 5.75 11.74
N GLY A 163 -10.47 6.86 12.00
CA GLY A 163 -9.75 7.14 13.22
C GLY A 163 -8.50 6.30 13.43
N VAL A 164 -7.82 6.01 12.33
CA VAL A 164 -6.58 5.20 12.38
C VAL A 164 -5.41 6.01 11.84
N GLU A 165 -4.19 5.46 11.82
CA GLU A 165 -2.99 6.17 11.42
C GLU A 165 -2.82 6.20 9.91
N TYR A 166 -2.17 7.26 9.44
CA TYR A 166 -1.82 7.46 8.05
C TYR A 166 -0.32 7.62 7.88
N VAL A 167 0.25 6.92 6.91
CA VAL A 167 1.66 7.06 6.50
C VAL A 167 1.69 7.45 5.05
N ASP A 168 2.35 8.59 4.76
CA ASP A 168 2.44 9.06 3.37
C ASP A 168 3.65 8.41 2.68
N HIS A 169 3.46 7.12 2.35
CA HIS A 169 4.46 6.34 1.68
C HIS A 169 4.78 6.96 0.32
N TRP A 170 3.76 7.44 -0.41
CA TRP A 170 3.97 8.08 -1.70
C TRP A 170 5.09 9.12 -1.62
N SER A 171 4.92 10.09 -0.71
CA SER A 171 5.83 11.23 -0.71
C SER A 171 7.26 10.82 -0.35
N TYR A 172 7.37 9.85 0.58
CA TYR A 172 8.72 9.42 0.97
C TYR A 172 9.37 8.66 -0.17
N VAL A 173 8.65 7.85 -0.95
CA VAL A 173 9.26 7.20 -2.10
C VAL A 173 9.63 8.23 -3.16
N ASP A 174 8.71 9.16 -3.50
CA ASP A 174 9.10 10.11 -4.56
C ASP A 174 10.26 11.01 -4.12
N SER A 175 10.37 11.35 -2.83
CA SER A 175 11.51 12.13 -2.34
C SER A 175 12.83 11.39 -2.57
N ILE A 176 12.92 10.13 -2.16
CA ILE A 176 14.18 9.40 -2.36
C ILE A 176 14.40 9.13 -3.84
N TYR A 177 13.37 8.87 -4.62
CA TYR A 177 13.60 8.69 -6.06
C TYR A 177 14.17 9.96 -6.68
N GLU A 178 13.68 11.14 -6.27
CA GLU A 178 14.20 12.37 -6.86
C GLU A 178 15.72 12.48 -6.59
N THR A 179 16.11 12.14 -5.36
CA THR A 179 17.50 12.19 -4.94
C THR A 179 18.35 11.15 -5.65
N LEU A 180 17.80 9.94 -5.82
CA LEU A 180 18.62 8.88 -6.45
C LEU A 180 18.85 9.10 -7.95
N GLY A 181 17.89 9.74 -8.61
CA GLY A 181 18.06 10.25 -9.95
C GLY A 181 17.69 9.28 -11.04
N ASN A 182 17.77 9.78 -12.26
CA ASN A 182 17.24 9.19 -13.46
C ASN A 182 17.76 7.77 -13.76
N ALA A 183 19.08 7.56 -13.84
CA ALA A 183 19.59 6.24 -14.24
C ALA A 183 19.24 5.21 -13.18
N THR A 184 19.44 5.56 -11.92
CA THR A 184 19.21 4.61 -10.81
C THR A 184 17.74 4.24 -10.77
N VAL A 185 16.83 5.22 -10.76
CA VAL A 185 15.42 4.85 -10.59
C VAL A 185 14.89 4.14 -11.80
N ASN A 186 15.27 4.48 -13.03
CA ASN A 186 14.81 3.77 -14.18
C ASN A 186 15.24 2.27 -14.08
N SER A 187 16.40 2.00 -13.48
CA SER A 187 16.86 0.62 -13.34
C SER A 187 15.95 -0.19 -12.44
N TYR A 188 15.14 0.45 -11.64
CA TYR A 188 14.24 -0.28 -10.74
C TYR A 188 12.95 -0.76 -11.44
N PHE A 189 12.75 -0.38 -12.70
CA PHE A 189 11.49 -0.67 -13.38
C PHE A 189 11.72 -1.42 -14.67
N PRO A 190 12.10 -2.69 -14.58
CA PRO A 190 12.44 -3.48 -15.79
C PRO A 190 11.30 -4.01 -16.62
N ILE A 191 10.09 -4.05 -16.08
CA ILE A 191 8.93 -4.62 -16.75
C ILE A 191 7.99 -3.53 -17.26
N ASN A 192 7.38 -2.78 -16.43
CA ASN A 192 6.47 -1.70 -16.78
C ASN A 192 6.82 -0.59 -15.78
N HIS A 193 6.02 0.44 -15.70
CA HIS A 193 6.39 1.54 -14.82
C HIS A 193 5.86 1.35 -13.38
N THR A 194 5.36 0.17 -13.05
CA THR A 194 4.81 -0.11 -11.74
C THR A 194 5.62 -1.11 -10.92
N HIS A 195 5.94 -2.29 -11.46
CA HIS A 195 6.63 -3.28 -10.66
C HIS A 195 8.07 -2.86 -10.42
N THR A 196 8.61 -3.20 -9.26
CA THR A 196 9.98 -2.86 -8.93
C THR A 196 10.90 -4.07 -8.89
N SER A 197 12.13 -3.86 -9.33
CA SER A 197 13.19 -4.83 -9.09
C SER A 197 13.43 -5.04 -7.59
N PRO A 198 14.15 -6.07 -7.19
CA PRO A 198 14.45 -6.22 -5.76
C PRO A 198 15.11 -5.01 -5.14
N ALA A 199 16.10 -4.39 -5.78
CA ALA A 199 16.73 -3.20 -5.24
C ALA A 199 15.73 -2.07 -5.07
N GLY A 200 14.85 -1.92 -6.10
CA GLY A 200 13.82 -0.87 -5.92
C GLY A 200 12.84 -1.15 -4.82
N ALA A 201 12.42 -2.44 -4.70
CA ALA A 201 11.54 -2.82 -3.60
C ALA A 201 12.14 -2.50 -2.24
N GLU A 202 13.43 -2.71 -2.10
CA GLU A 202 14.11 -2.38 -0.85
C GLU A 202 14.10 -0.87 -0.60
N VAL A 203 14.42 -0.07 -1.64
CA VAL A 203 14.33 1.39 -1.51
C VAL A 203 12.95 1.81 -1.05
N VAL A 204 11.93 1.22 -1.67
CA VAL A 204 10.55 1.53 -1.35
C VAL A 204 10.26 1.16 0.10
N ALA A 205 10.70 0.00 0.56
CA ALA A 205 10.49 -0.41 1.96
C ALA A 205 11.19 0.56 2.91
N GLU A 206 12.44 0.88 2.58
CA GLU A 206 13.24 1.77 3.45
C GLU A 206 12.59 3.12 3.51
N ALA A 207 11.88 3.57 2.47
CA ALA A 207 11.17 4.85 2.47
C ALA A 207 9.92 4.78 3.36
N PHE A 208 9.28 3.59 3.42
CA PHE A 208 8.20 3.40 4.39
C PHE A 208 8.73 3.52 5.81
N LEU A 209 9.87 2.85 6.08
CA LEU A 209 10.43 2.91 7.41
C LEU A 209 10.86 4.33 7.78
N LYS A 210 11.44 5.07 6.81
CA LYS A 210 11.76 6.48 7.02
C LYS A 210 10.52 7.27 7.38
N ALA A 211 9.44 7.07 6.67
CA ALA A 211 8.17 7.73 6.91
C ALA A 211 7.68 7.43 8.30
N VAL A 212 7.79 6.20 8.76
CA VAL A 212 7.38 5.82 10.13
C VAL A 212 8.19 6.61 11.16
N VAL A 213 9.53 6.65 11.02
CA VAL A 213 10.41 7.35 11.95
C VAL A 213 10.00 8.79 11.98
N CYS A 214 9.86 9.39 10.81
CA CYS A 214 9.68 10.83 10.72
C CYS A 214 8.28 11.26 11.16
N THR A 215 7.28 10.39 10.99
CA THR A 215 5.89 10.77 11.27
C THR A 215 5.51 10.40 12.71
N GLY A 216 6.26 9.50 13.35
CA GLY A 216 5.99 9.08 14.70
C GLY A 216 4.90 8.05 14.78
N THR A 217 4.70 7.31 13.71
CA THR A 217 3.73 6.23 13.68
C THR A 217 3.94 5.21 14.78
N SER A 218 2.85 4.64 15.29
CA SER A 218 2.94 3.65 16.37
C SER A 218 3.94 2.53 16.10
N LEU A 219 4.05 2.11 14.83
CA LEU A 219 5.00 1.04 14.44
C LEU A 219 6.45 1.32 14.84
N LYS A 220 6.76 2.61 15.08
CA LYS A 220 8.13 2.94 15.51
C LYS A 220 8.53 2.14 16.74
N SER A 221 7.55 1.81 17.57
CA SER A 221 7.79 1.04 18.77
C SER A 221 8.39 -0.33 18.48
N VAL A 222 8.27 -0.92 17.31
CA VAL A 222 8.84 -2.24 17.02
C VAL A 222 9.98 -2.11 16.02
N LEU A 223 10.45 -0.91 15.65
CA LEU A 223 11.67 -0.75 14.95
C LEU A 223 12.90 -1.14 15.77
N THR A 224 13.89 -1.75 15.08
CA THR A 224 15.13 -2.06 15.75
C THR A 224 16.23 -1.08 15.34
N THR A 225 15.98 -0.13 14.48
CA THR A 225 16.88 0.94 14.09
C THR A 225 16.05 2.11 13.57
N THR A 226 16.60 3.31 13.64
CA THR A 226 15.95 4.43 13.02
C THR A 226 16.77 4.97 11.86
N SER A 227 17.86 4.31 11.44
CA SER A 227 18.79 4.82 10.44
C SER A 227 18.40 4.38 9.03
N PHE A 228 17.67 5.24 8.33
CA PHE A 228 17.22 4.97 6.97
C PHE A 228 17.58 6.16 6.09
N GLU A 229 17.91 5.85 4.85
CA GLU A 229 18.21 6.94 3.89
C GLU A 229 17.02 7.88 3.72
N GLY A 230 17.33 9.07 3.23
CA GLY A 230 16.33 10.09 2.99
C GLY A 230 16.27 11.10 4.10
N THR A 231 15.28 12.01 3.99
CA THR A 231 15.07 13.07 4.94
C THR A 231 13.62 13.10 5.39
N CYS A 232 13.39 13.62 6.59
CA CYS A 232 12.04 13.82 7.05
C CYS A 232 11.40 14.98 6.27
N LEU A 233 10.14 14.78 5.91
CA LEU A 233 9.35 15.70 5.10
C LEU A 233 8.32 16.47 5.92
C1 NAG B . -28.09 -4.65 -9.25
C2 NAG B . -29.21 -4.51 -10.27
C3 NAG B . -29.71 -3.06 -10.22
C4 NAG B . -30.27 -2.79 -8.77
C5 NAG B . -29.15 -3.02 -7.78
C6 NAG B . -29.51 -2.78 -6.31
C7 NAG B . -28.71 -5.69 -12.44
C8 NAG B . -28.13 -5.46 -13.90
N2 NAG B . -28.61 -4.69 -11.66
O3 NAG B . -30.80 -2.95 -11.17
O4 NAG B . -30.65 -1.40 -8.92
O5 NAG B . -28.63 -4.36 -7.89
O6 NAG B . -30.60 -3.64 -5.93
O7 NAG B . -29.37 -6.73 -12.14
C1 NAG C . 17.71 8.41 -17.96
C2 NAG C . 18.50 8.95 -19.15
C3 NAG C . 18.21 8.06 -20.38
C4 NAG C . 18.74 6.65 -19.92
C5 NAG C . 17.81 6.20 -18.80
C6 NAG C . 18.15 4.77 -18.37
C7 NAG C . 18.63 11.38 -19.56
C8 NAG C . 17.79 12.71 -19.73
N2 NAG C . 17.91 10.33 -19.46
O3 NAG C . 19.06 8.61 -21.42
O4 NAG C . 18.50 5.68 -20.97
O5 NAG C . 18.11 7.02 -17.66
O6 NAG C . 19.53 4.72 -18.05
O7 NAG C . 19.76 11.42 -19.02
C ACT D . 0.04 -4.53 -9.76
O ACT D . 0.94 -3.73 -9.89
OXT ACT D . -0.43 -4.99 -8.68
CH3 ACT D . -0.29 -5.09 -10.74
#